data_9OQE
#
_entry.id   9OQE
#
_cell.length_a   45.180
_cell.length_b   106.610
_cell.length_c   47.710
_cell.angle_alpha   90.00
_cell.angle_beta   102.32
_cell.angle_gamma   90.00
#
_symmetry.space_group_name_H-M   'P 1 21 1'
#
loop_
_entity.id
_entity.type
_entity.pdbx_description
1 polymer Beta-lactamase
2 non-polymer 'PHOSPHATE ION'
3 non-polymer 'POTASSIUM ION'
4 water water
#
_entity_poly.entity_id   1
_entity_poly.type   'polypeptide(L)'
_entity_poly.pdbx_seq_one_letter_code
;QTSAVQQKLAALEKSSGGRLGVALIDTADNTQVLYRGDERFPMCSTSKVMAAAAVLKQSETQKQLLNQPVEIKPADLVNY
NPIAEKHVNGTMTLAELSAAALQYSDNTAMNKLIAQLGGPGGVTAFARAIGDETFRLDRTEPTLNTAIPGDPRDTTTPRA
MAQTLRQLTLGHALGETQRAQLVTWLKGNTTGAASIRAGLPTSWTVGDKTGSGDYGTTNDIAVIWPQGRAPLVLVTYFTQ
PQQNAESRRDVLASAARIIAEGL
;
_entity_poly.pdbx_strand_id   A,B
#
loop_
_chem_comp.id
_chem_comp.type
_chem_comp.name
_chem_comp.formula
K non-polymer 'POTASSIUM ION' 'K 1'
PO4 non-polymer 'PHOSPHATE ION' 'O4 P -3'
#
# COMPACT_ATOMS: atom_id res chain seq x y z
N SER A 3 -7.45 -28.15 3.87
CA SER A 3 -7.34 -29.31 4.75
C SER A 3 -6.95 -28.89 6.18
N ALA A 4 -7.79 -29.29 7.15
CA ALA A 4 -7.53 -29.03 8.57
C ALA A 4 -7.50 -27.53 8.88
N VAL A 5 -8.34 -26.76 8.18
CA VAL A 5 -8.27 -25.31 8.28
C VAL A 5 -8.57 -24.86 9.70
N GLN A 6 -9.51 -25.53 10.37
CA GLN A 6 -9.84 -25.16 11.75
C GLN A 6 -8.66 -25.39 12.68
N GLN A 7 -8.01 -26.55 12.57
CA GLN A 7 -6.82 -26.82 13.37
C GLN A 7 -5.77 -25.74 13.15
N LYS A 8 -5.56 -25.34 11.90
CA LYS A 8 -4.48 -24.40 11.60
C LYS A 8 -4.79 -23.00 12.12
N LEU A 9 -6.04 -22.56 11.97
CA LEU A 9 -6.41 -21.25 12.49
C LEU A 9 -6.35 -21.21 14.01
N ALA A 10 -6.81 -22.27 14.68
CA ALA A 10 -6.71 -22.34 16.13
C ALA A 10 -5.26 -22.31 16.57
N ALA A 11 -4.39 -23.01 15.84
CA ALA A 11 -2.97 -23.04 16.20
C ALA A 11 -2.34 -21.67 16.00
N LEU A 12 -2.70 -20.99 14.90
CA LEU A 12 -2.20 -19.65 14.69
C LEU A 12 -2.63 -18.72 15.82
N GLU A 13 -3.90 -18.79 16.22
CA GLU A 13 -4.37 -17.94 17.31
C GLU A 13 -3.62 -18.23 18.61
N LYS A 14 -3.42 -19.51 18.92
CA LYS A 14 -2.74 -19.85 20.17
C LYS A 14 -1.32 -19.32 20.17
N SER A 15 -0.63 -19.43 19.03
CA SER A 15 0.74 -18.94 18.95
C SER A 15 0.78 -17.42 19.08
N SER A 16 -0.24 -16.74 18.52
CA SER A 16 -0.31 -15.28 18.55
C SER A 16 -0.57 -14.71 19.93
N GLY A 17 -1.17 -15.47 20.83
CA GLY A 17 -1.52 -14.98 22.16
C GLY A 17 -2.78 -14.13 22.22
N GLY A 18 -3.42 -13.85 21.09
CA GLY A 18 -4.60 -13.01 21.08
C GLY A 18 -5.87 -13.73 20.66
N ARG A 19 -6.82 -12.98 20.09
CA ARG A 19 -8.13 -13.48 19.71
C ARG A 19 -8.33 -13.17 18.23
N LEU A 20 -8.53 -14.22 17.44
CA LEU A 20 -8.56 -14.14 15.99
C LEU A 20 -9.96 -14.43 15.48
N GLY A 21 -10.45 -13.60 14.56
CA GLY A 21 -11.73 -13.83 13.92
C GLY A 21 -11.58 -13.84 12.42
N VAL A 22 -12.09 -14.88 11.75
CA VAL A 22 -11.94 -15.04 10.32
C VAL A 22 -13.30 -15.34 9.72
N ALA A 23 -13.63 -14.69 8.61
CA ALA A 23 -14.77 -15.12 7.81
C ALA A 23 -14.39 -15.04 6.34
N LEU A 24 -14.45 -16.18 5.67
CA LEU A 24 -14.26 -16.28 4.23
C LEU A 24 -15.60 -16.57 3.57
N ILE A 25 -15.89 -15.90 2.44
CA ILE A 25 -16.93 -16.33 1.51
C ILE A 25 -16.26 -16.60 0.18
N ASP A 26 -16.36 -17.84 -0.31
CA ASP A 26 -15.87 -18.19 -1.63
C ASP A 26 -17.06 -18.14 -2.57
N THR A 27 -17.09 -17.14 -3.46
CA THR A 27 -18.27 -16.97 -4.30
C THR A 27 -18.30 -17.95 -5.47
N ALA A 28 -17.26 -18.77 -5.63
CA ALA A 28 -17.31 -19.84 -6.63
C ALA A 28 -18.45 -20.80 -6.32
N ASP A 29 -18.67 -21.09 -5.04
CA ASP A 29 -19.66 -22.08 -4.63
C ASP A 29 -20.38 -21.69 -3.35
N ASN A 30 -20.21 -20.46 -2.87
CA ASN A 30 -20.84 -19.93 -1.65
C ASN A 30 -20.38 -20.66 -0.40
N THR A 31 -19.27 -21.39 -0.44
CA THR A 31 -18.79 -21.99 0.79
C THR A 31 -18.15 -20.93 1.68
N GLN A 32 -18.03 -21.28 2.96
CA GLN A 32 -17.49 -20.35 3.95
C GLN A 32 -16.51 -21.07 4.85
N VAL A 33 -15.58 -20.30 5.38
CA VAL A 33 -14.74 -20.71 6.48
C VAL A 33 -14.89 -19.67 7.56
N LEU A 34 -15.23 -20.11 8.76
CA LEU A 34 -15.50 -19.22 9.88
C LEU A 34 -14.69 -19.65 11.08
N TYR A 35 -14.10 -18.68 11.76
CA TYR A 35 -13.39 -18.91 13.01
C TYR A 35 -13.72 -17.74 13.93
N ARG A 36 -14.40 -18.03 15.03
CA ARG A 36 -14.97 -16.97 15.87
C ARG A 36 -15.80 -16.02 15.01
N GLY A 37 -16.49 -16.60 14.04
CA GLY A 37 -17.18 -15.79 13.05
C GLY A 37 -18.34 -14.99 13.59
N ASP A 38 -18.88 -15.37 14.75
CA ASP A 38 -20.00 -14.66 15.35
C ASP A 38 -19.61 -13.89 16.60
N GLU A 39 -18.31 -13.81 16.92
CA GLU A 39 -17.88 -12.94 18.01
C GLU A 39 -17.70 -11.51 17.53
N ARG A 40 -17.98 -10.56 18.41
CA ARG A 40 -17.76 -9.15 18.10
C ARG A 40 -16.29 -8.82 18.24
N PHE A 41 -15.80 -7.95 17.34
CA PHE A 41 -14.45 -7.42 17.35
C PHE A 41 -14.53 -5.91 17.11
N PRO A 42 -13.61 -5.14 17.71
CA PRO A 42 -13.53 -3.71 17.37
C PRO A 42 -13.11 -3.55 15.91
N MET A 43 -13.88 -2.77 15.15
CA MET A 43 -13.62 -2.61 13.72
C MET A 43 -12.45 -1.68 13.42
N CYS A 44 -12.25 -0.67 14.25
CA CYS A 44 -11.28 0.39 13.99
C CYS A 44 -11.50 0.91 12.58
N SER A 45 -10.45 1.15 11.80
CA SER A 45 -10.67 1.84 10.53
C SER A 45 -11.35 0.99 9.46
N THR A 46 -11.60 -0.30 9.70
CA THR A 46 -12.38 -1.04 8.71
C THR A 46 -13.81 -0.51 8.61
N SER A 47 -14.27 0.23 9.64
CA SER A 47 -15.58 0.86 9.56
C SER A 47 -15.63 1.96 8.50
N LYS A 48 -14.49 2.43 8.02
CA LYS A 48 -14.49 3.45 6.95
C LYS A 48 -15.14 2.94 5.68
N VAL A 49 -15.13 1.63 5.45
CA VAL A 49 -15.82 1.09 4.28
C VAL A 49 -17.32 1.35 4.38
N MET A 50 -17.89 1.15 5.56
CA MET A 50 -19.34 1.32 5.68
C MET A 50 -19.70 2.79 5.53
N ALA A 51 -18.87 3.69 6.09
CA ALA A 51 -19.16 5.13 5.97
C ALA A 51 -19.02 5.61 4.54
N ALA A 52 -17.92 5.24 3.87
CA ALA A 52 -17.78 5.63 2.47
C ALA A 52 -18.92 5.07 1.62
N ALA A 53 -19.30 3.81 1.85
CA ALA A 53 -20.39 3.23 1.07
C ALA A 53 -21.72 3.95 1.35
N ALA A 54 -21.94 4.37 2.60
CA ALA A 54 -23.17 5.11 2.92
C ALA A 54 -23.24 6.42 2.15
N VAL A 55 -22.10 7.13 2.02
CA VAL A 55 -22.09 8.37 1.25
C VAL A 55 -22.26 8.08 -0.24
N LEU A 56 -21.66 6.99 -0.74
CA LEU A 56 -21.91 6.58 -2.12
C LEU A 56 -23.39 6.32 -2.35
N LYS A 57 -24.06 5.64 -1.41
CA LYS A 57 -25.50 5.42 -1.57
C LYS A 57 -26.25 6.74 -1.59
N GLN A 58 -25.89 7.69 -0.73
CA GLN A 58 -26.54 9.00 -0.77
C GLN A 58 -26.37 9.64 -2.14
N SER A 59 -25.20 9.51 -2.75
CA SER A 59 -24.95 10.14 -4.04
C SER A 59 -25.74 9.52 -5.17
N GLU A 60 -26.38 8.36 -4.96
CA GLU A 60 -27.28 7.81 -5.97
C GLU A 60 -28.49 8.70 -6.17
N THR A 61 -28.88 9.48 -5.16
CA THR A 61 -30.03 10.36 -5.31
C THR A 61 -29.71 11.84 -5.16
N GLN A 62 -28.67 12.22 -4.41
CA GLN A 62 -28.07 13.55 -4.46
C GLN A 62 -26.91 13.48 -5.44
N LYS A 63 -27.20 13.75 -6.71
N LYS A 63 -27.21 13.74 -6.71
CA LYS A 63 -26.31 13.32 -7.78
CA LYS A 63 -26.31 13.32 -7.79
C LYS A 63 -24.98 14.05 -7.81
C LYS A 63 -24.98 14.05 -7.81
N GLN A 64 -24.89 15.25 -7.24
CA GLN A 64 -23.61 15.96 -7.19
C GLN A 64 -22.98 15.94 -5.80
N LEU A 65 -23.46 15.06 -4.93
CA LEU A 65 -22.98 15.07 -3.54
C LEU A 65 -21.47 14.87 -3.45
N LEU A 66 -20.90 14.00 -4.29
CA LEU A 66 -19.48 13.70 -4.12
C LEU A 66 -18.59 14.89 -4.46
N ASN A 67 -19.11 15.90 -5.17
CA ASN A 67 -18.34 17.10 -5.46
C ASN A 67 -18.54 18.22 -4.45
N GLN A 68 -19.32 17.98 -3.39
N GLN A 68 -19.32 17.98 -3.40
CA GLN A 68 -19.65 19.05 -2.46
CA GLN A 68 -19.64 19.01 -2.43
C GLN A 68 -18.44 19.37 -1.58
C GLN A 68 -18.40 19.36 -1.61
N PRO A 69 -18.03 20.63 -1.52
CA PRO A 69 -16.87 21.00 -0.67
C PRO A 69 -17.23 20.93 0.81
N VAL A 70 -16.25 20.50 1.60
CA VAL A 70 -16.38 20.41 3.05
C VAL A 70 -15.20 21.15 3.67
N GLU A 71 -15.50 22.07 4.60
CA GLU A 71 -14.45 22.84 5.24
C GLU A 71 -13.59 21.97 6.15
N ILE A 72 -12.28 22.08 6.03
CA ILE A 72 -11.32 21.42 6.93
C ILE A 72 -10.71 22.51 7.80
N LYS A 73 -11.02 22.50 9.10
CA LYS A 73 -10.49 23.52 10.00
C LYS A 73 -9.38 22.94 10.88
N PRO A 74 -8.47 23.80 11.37
CA PRO A 74 -7.42 23.29 12.26
C PRO A 74 -7.97 22.46 13.42
N ALA A 75 -9.10 22.88 14.01
CA ALA A 75 -9.64 22.17 15.16
C ALA A 75 -10.25 20.83 14.78
N ASP A 76 -10.43 20.55 13.49
CA ASP A 76 -10.97 19.27 13.04
C ASP A 76 -9.94 18.16 13.01
N LEU A 77 -8.65 18.51 12.98
CA LEU A 77 -7.62 17.50 12.89
C LEU A 77 -7.57 16.64 14.16
N VAL A 78 -7.53 15.34 13.98
CA VAL A 78 -7.44 14.42 15.11
C VAL A 78 -6.04 13.80 15.11
N ASN A 79 -5.95 12.49 15.28
CA ASN A 79 -4.65 11.87 15.59
C ASN A 79 -3.91 11.33 14.38
N TYR A 80 -4.55 11.24 13.21
CA TYR A 80 -3.88 10.66 12.05
C TYR A 80 -4.59 11.23 10.82
N ASN A 81 -4.01 12.27 10.23
N ASN A 81 -3.97 12.23 10.19
CA ASN A 81 -4.65 13.00 9.13
CA ASN A 81 -4.63 13.02 9.14
C ASN A 81 -3.65 13.25 8.00
C ASN A 81 -3.69 13.26 7.98
N PRO A 82 -3.18 12.18 7.35
CA PRO A 82 -2.16 12.38 6.29
C PRO A 82 -2.62 13.20 5.11
N ILE A 83 -3.90 13.20 4.79
CA ILE A 83 -4.41 13.96 3.66
C ILE A 83 -5.07 15.25 4.11
N ALA A 84 -5.89 15.18 5.15
CA ALA A 84 -6.61 16.37 5.59
C ALA A 84 -5.68 17.48 6.05
N GLU A 85 -4.51 17.14 6.60
N GLU A 85 -4.50 17.13 6.58
CA GLU A 85 -3.59 18.18 7.05
CA GLU A 85 -3.57 18.16 7.03
C GLU A 85 -3.08 19.03 5.89
C GLU A 85 -3.08 19.01 5.87
N LYS A 86 -3.06 18.48 4.67
N LYS A 86 -3.08 18.46 4.65
CA LYS A 86 -2.68 19.25 3.49
CA LYS A 86 -2.67 19.24 3.49
C LYS A 86 -3.71 20.32 3.13
C LYS A 86 -3.72 20.29 3.10
N HIS A 87 -4.97 20.15 3.54
CA HIS A 87 -6.06 21.01 3.11
C HIS A 87 -6.70 21.80 4.24
N VAL A 88 -6.07 21.80 5.42
CA VAL A 88 -6.54 22.63 6.52
C VAL A 88 -6.66 24.08 6.06
N ASN A 89 -7.68 24.77 6.58
CA ASN A 89 -8.05 26.13 6.19
C ASN A 89 -8.49 26.23 4.75
N GLY A 90 -8.84 25.09 4.16
CA GLY A 90 -9.45 25.05 2.85
C GLY A 90 -10.55 24.01 2.85
N THR A 91 -10.83 23.40 1.70
CA THR A 91 -11.91 22.43 1.60
C THR A 91 -11.41 21.18 0.87
N MET A 92 -12.12 20.08 1.11
CA MET A 92 -12.05 18.85 0.31
C MET A 92 -13.45 18.41 -0.08
N THR A 93 -13.57 17.75 -1.23
CA THR A 93 -14.89 17.27 -1.61
C THR A 93 -15.18 15.95 -0.91
N LEU A 94 -16.45 15.56 -0.91
CA LEU A 94 -16.77 14.29 -0.27
C LEU A 94 -16.12 13.11 -0.98
N ALA A 95 -15.91 13.20 -2.30
CA ALA A 95 -15.16 12.15 -2.98
C ALA A 95 -13.71 12.12 -2.51
N GLU A 96 -13.10 13.29 -2.37
CA GLU A 96 -11.73 13.36 -1.88
C GLU A 96 -11.62 12.85 -0.44
N LEU A 97 -12.63 13.13 0.38
CA LEU A 97 -12.63 12.63 1.75
C LEU A 97 -12.83 11.12 1.78
N SER A 98 -13.69 10.59 0.91
CA SER A 98 -13.89 9.15 0.85
C SER A 98 -12.61 8.44 0.44
N ALA A 99 -11.93 8.96 -0.58
CA ALA A 99 -10.68 8.36 -1.03
C ALA A 99 -9.60 8.46 0.05
N ALA A 100 -9.51 9.59 0.75
CA ALA A 100 -8.53 9.74 1.81
C ALA A 100 -8.80 8.75 2.95
N ALA A 101 -10.06 8.62 3.35
CA ALA A 101 -10.41 7.65 4.38
C ALA A 101 -10.04 6.23 3.96
N LEU A 102 -10.43 5.84 2.76
CA LEU A 102 -10.26 4.45 2.38
C LEU A 102 -8.81 4.12 2.05
N GLN A 103 -8.11 5.01 1.33
CA GLN A 103 -6.82 4.62 0.81
C GLN A 103 -5.65 5.04 1.67
N TYR A 104 -5.85 6.01 2.57
CA TYR A 104 -4.82 6.44 3.50
C TYR A 104 -5.22 6.29 4.95
N SER A 105 -6.44 5.83 5.21
CA SER A 105 -6.95 5.64 6.57
C SER A 105 -6.95 6.95 7.35
N ASP A 106 -7.26 8.05 6.65
CA ASP A 106 -7.31 9.37 7.25
C ASP A 106 -8.49 9.50 8.21
N ASN A 107 -8.20 9.80 9.48
CA ASN A 107 -9.24 9.82 10.52
C ASN A 107 -10.05 11.11 10.49
N THR A 108 -9.46 12.23 10.08
CA THR A 108 -10.26 13.43 9.90
C THR A 108 -11.24 13.24 8.75
N ALA A 109 -10.79 12.60 7.67
CA ALA A 109 -11.70 12.33 6.56
C ALA A 109 -12.87 11.47 7.02
N MET A 110 -12.60 10.40 7.78
CA MET A 110 -13.69 9.64 8.41
C MET A 110 -14.68 10.51 9.14
N ASN A 111 -14.19 11.43 9.97
CA ASN A 111 -15.12 12.23 10.76
C ASN A 111 -16.00 13.08 9.88
N LYS A 112 -15.48 13.55 8.73
CA LYS A 112 -16.33 14.30 7.81
C LYS A 112 -17.38 13.40 7.15
N LEU A 113 -17.03 12.15 6.85
CA LEU A 113 -18.02 11.23 6.33
C LEU A 113 -19.11 10.98 7.37
N ILE A 114 -18.70 10.75 8.62
CA ILE A 114 -19.66 10.52 9.70
C ILE A 114 -20.59 11.72 9.84
N ALA A 115 -20.02 12.93 9.80
CA ALA A 115 -20.84 14.13 9.94
C ALA A 115 -21.83 14.26 8.79
N GLN A 116 -21.40 13.95 7.56
CA GLN A 116 -22.30 14.02 6.42
C GLN A 116 -23.52 13.12 6.61
N LEU A 117 -23.32 11.99 7.28
CA LEU A 117 -24.38 11.01 7.52
C LEU A 117 -25.20 11.32 8.77
N GLY A 118 -24.89 12.40 9.47
CA GLY A 118 -25.63 12.82 10.65
C GLY A 118 -25.11 12.28 11.96
N GLY A 119 -23.89 11.72 11.99
CA GLY A 119 -23.37 11.15 13.20
C GLY A 119 -23.19 9.66 13.03
N PRO A 120 -22.52 9.02 14.01
CA PRO A 120 -22.28 7.57 13.90
C PRO A 120 -23.55 6.76 13.66
N GLY A 121 -24.68 7.17 14.25
CA GLY A 121 -25.93 6.47 14.01
C GLY A 121 -26.36 6.45 12.55
N GLY A 122 -25.93 7.45 11.78
CA GLY A 122 -26.22 7.46 10.35
C GLY A 122 -25.48 6.37 9.60
N VAL A 123 -24.28 6.02 10.04
CA VAL A 123 -23.57 4.90 9.44
C VAL A 123 -24.27 3.58 9.78
N THR A 124 -24.66 3.41 11.05
CA THR A 124 -25.40 2.22 11.46
C THR A 124 -26.71 2.09 10.69
N ALA A 125 -27.39 3.21 10.47
CA ALA A 125 -28.65 3.17 9.74
C ALA A 125 -28.46 2.67 8.32
N PHE A 126 -27.37 3.07 7.66
CA PHE A 126 -27.11 2.54 6.33
C PHE A 126 -26.84 1.03 6.38
N ALA A 127 -26.07 0.58 7.38
CA ALA A 127 -25.86 -0.84 7.56
C ALA A 127 -27.19 -1.58 7.64
N ARG A 128 -28.13 -1.06 8.45
CA ARG A 128 -29.43 -1.71 8.57
C ARG A 128 -30.16 -1.71 7.24
N ALA A 129 -30.02 -0.63 6.46
CA ALA A 129 -30.72 -0.53 5.19
C ALA A 129 -30.22 -1.54 4.17
N ILE A 130 -28.98 -2.01 4.28
CA ILE A 130 -28.47 -3.00 3.36
C ILE A 130 -28.44 -4.40 3.99
N GLY A 131 -29.15 -4.59 5.10
CA GLY A 131 -29.38 -5.90 5.65
C GLY A 131 -28.41 -6.36 6.71
N ASP A 132 -27.56 -5.46 7.18
CA ASP A 132 -26.58 -5.78 8.22
C ASP A 132 -27.17 -5.35 9.55
N GLU A 133 -27.56 -6.34 10.37
N GLU A 133 -27.58 -6.32 10.37
CA GLU A 133 -28.20 -6.12 11.65
CA GLU A 133 -28.19 -6.06 11.66
C GLU A 133 -27.21 -6.18 12.81
C GLU A 133 -27.21 -6.14 12.81
N THR A 134 -25.93 -6.37 12.52
CA THR A 134 -24.89 -6.61 13.51
C THR A 134 -23.96 -5.42 13.69
N PHE A 135 -23.51 -4.83 12.59
CA PHE A 135 -22.65 -3.64 12.63
C PHE A 135 -23.22 -2.55 13.53
N ARG A 136 -22.35 -1.92 14.32
CA ARG A 136 -22.74 -0.68 14.99
C ARG A 136 -21.56 0.26 15.03
N LEU A 137 -21.79 1.52 14.66
CA LEU A 137 -20.85 2.60 14.86
C LEU A 137 -21.43 3.51 15.92
N ASP A 138 -20.65 3.77 16.96
CA ASP A 138 -21.09 4.51 18.12
C ASP A 138 -20.34 5.80 18.35
N ARG A 139 -19.09 5.88 17.92
CA ARG A 139 -18.24 7.01 18.22
C ARG A 139 -17.55 7.49 16.96
N THR A 140 -17.00 8.69 17.06
CA THR A 140 -16.17 9.27 16.01
C THR A 140 -14.71 8.86 16.21
N GLU A 141 -13.85 9.32 15.28
CA GLU A 141 -12.40 9.20 15.47
C GLU A 141 -11.91 10.27 16.44
N PRO A 142 -10.98 9.94 17.35
CA PRO A 142 -10.25 8.67 17.47
C PRO A 142 -10.81 7.68 18.49
N THR A 143 -11.89 8.02 19.21
CA THR A 143 -12.28 7.16 20.32
C THR A 143 -12.92 5.85 19.86
N LEU A 144 -13.36 5.74 18.60
CA LEU A 144 -13.87 4.44 18.16
C LEU A 144 -12.81 3.34 18.17
N ASN A 145 -11.54 3.67 18.40
CA ASN A 145 -10.45 2.71 18.40
C ASN A 145 -10.06 2.21 19.79
N THR A 146 -10.86 2.47 20.83
CA THR A 146 -10.40 2.08 22.17
C THR A 146 -10.34 0.57 22.35
N ALA A 147 -11.20 -0.18 21.64
CA ALA A 147 -11.04 -1.64 21.51
C ALA A 147 -11.04 -2.35 22.87
N ILE A 148 -11.85 -1.86 23.79
CA ILE A 148 -11.85 -2.42 25.15
C ILE A 148 -12.54 -3.78 25.14
N PRO A 149 -11.93 -4.81 25.72
CA PRO A 149 -12.56 -6.15 25.70
C PRO A 149 -13.93 -6.12 26.35
N GLY A 150 -14.91 -6.73 25.68
CA GLY A 150 -16.28 -6.77 26.15
C GLY A 150 -17.15 -5.56 25.82
N ASP A 151 -16.55 -4.48 25.32
CA ASP A 151 -17.29 -3.28 24.91
C ASP A 151 -17.92 -3.52 23.54
N PRO A 152 -19.25 -3.47 23.40
CA PRO A 152 -19.86 -3.67 22.08
C PRO A 152 -19.76 -2.47 21.15
N ARG A 153 -19.34 -1.31 21.65
CA ARG A 153 -19.32 -0.13 20.82
C ARG A 153 -18.36 -0.29 19.65
N ASP A 154 -18.80 0.15 18.47
CA ASP A 154 -17.94 0.18 17.29
C ASP A 154 -17.39 -1.21 16.93
N THR A 155 -18.26 -2.21 17.01
CA THR A 155 -17.90 -3.58 16.70
C THR A 155 -18.79 -4.16 15.62
N THR A 156 -18.32 -5.25 15.02
CA THR A 156 -19.16 -6.14 14.25
C THR A 156 -18.59 -7.55 14.38
N THR A 157 -19.24 -8.51 13.70
CA THR A 157 -18.70 -9.86 13.68
C THR A 157 -18.06 -10.13 12.33
N PRO A 158 -17.09 -11.05 12.26
CA PRO A 158 -16.51 -11.36 10.94
C PRO A 158 -17.54 -11.84 9.95
N ARG A 159 -18.48 -12.67 10.37
CA ARG A 159 -19.51 -13.18 9.46
C ARG A 159 -20.31 -12.04 8.87
N ALA A 160 -20.76 -11.11 9.72
CA ALA A 160 -21.58 -10.01 9.23
C ALA A 160 -20.79 -9.10 8.31
N MET A 161 -19.53 -8.82 8.66
N MET A 161 -19.53 -8.83 8.65
CA MET A 161 -18.74 -7.90 7.83
CA MET A 161 -18.75 -7.90 7.83
C MET A 161 -18.43 -8.52 6.48
C MET A 161 -18.40 -8.51 6.48
N ALA A 162 -18.15 -9.82 6.44
CA ALA A 162 -17.88 -10.47 5.16
C ALA A 162 -19.11 -10.45 4.26
N GLN A 163 -20.28 -10.74 4.83
CA GLN A 163 -21.52 -10.68 4.07
C GLN A 163 -21.78 -9.28 3.53
N THR A 164 -21.59 -8.28 4.37
CA THR A 164 -21.79 -6.89 3.92
C THR A 164 -20.78 -6.50 2.86
N LEU A 165 -19.52 -6.89 3.03
CA LEU A 165 -18.53 -6.51 2.03
C LEU A 165 -18.84 -7.18 0.70
N ARG A 166 -19.34 -8.41 0.73
CA ARG A 166 -19.78 -9.05 -0.50
C ARG A 166 -20.91 -8.27 -1.15
N GLN A 167 -21.92 -7.88 -0.37
CA GLN A 167 -23.05 -7.16 -0.95
C GLN A 167 -22.61 -5.81 -1.52
N LEU A 168 -21.65 -5.15 -0.86
CA LEU A 168 -21.21 -3.83 -1.31
C LEU A 168 -20.37 -3.91 -2.57
N THR A 169 -19.48 -4.89 -2.67
CA THR A 169 -18.48 -4.90 -3.74
C THR A 169 -18.82 -5.84 -4.88
N LEU A 170 -19.63 -6.87 -4.64
CA LEU A 170 -19.95 -7.88 -5.65
C LEU A 170 -21.43 -8.04 -5.89
N GLY A 171 -22.27 -7.60 -4.97
CA GLY A 171 -23.70 -7.67 -5.11
C GLY A 171 -24.28 -6.32 -5.45
N HIS A 172 -25.48 -6.05 -4.93
CA HIS A 172 -26.24 -4.91 -5.41
C HIS A 172 -26.76 -4.03 -4.28
N ALA A 173 -26.01 -3.97 -3.18
CA ALA A 173 -26.32 -3.00 -2.13
C ALA A 173 -26.16 -1.57 -2.63
N LEU A 174 -25.23 -1.35 -3.57
CA LEU A 174 -24.98 -0.08 -4.21
C LEU A 174 -25.39 -0.14 -5.68
N GLY A 175 -25.63 1.03 -6.27
CA GLY A 175 -25.81 1.12 -7.71
C GLY A 175 -24.52 0.78 -8.44
N GLU A 176 -24.65 0.45 -9.74
CA GLU A 176 -23.52 -0.09 -10.48
C GLU A 176 -22.31 0.85 -10.46
N THR A 177 -22.50 2.13 -10.74
CA THR A 177 -21.38 3.07 -10.75
C THR A 177 -20.77 3.19 -9.36
N GLN A 178 -21.60 3.13 -8.33
CA GLN A 178 -21.12 3.33 -6.96
C GLN A 178 -20.36 2.11 -6.49
N ARG A 179 -20.84 0.91 -6.85
CA ARG A 179 -20.10 -0.31 -6.53
C ARG A 179 -18.72 -0.26 -7.18
N ALA A 180 -18.67 0.11 -8.47
CA ALA A 180 -17.39 0.20 -9.15
C ALA A 180 -16.47 1.22 -8.48
N GLN A 181 -17.03 2.34 -8.03
CA GLN A 181 -16.20 3.35 -7.36
C GLN A 181 -15.63 2.81 -6.06
N LEU A 182 -16.45 2.12 -5.26
CA LEU A 182 -15.96 1.52 -4.03
C LEU A 182 -14.83 0.53 -4.33
N VAL A 183 -15.03 -0.32 -5.33
CA VAL A 183 -14.03 -1.32 -5.68
C VAL A 183 -12.75 -0.64 -6.14
N THR A 184 -12.87 0.42 -6.97
CA THR A 184 -11.69 1.16 -7.41
C THR A 184 -10.93 1.72 -6.22
N TRP A 185 -11.65 2.30 -5.25
CA TRP A 185 -10.97 2.84 -4.07
C TRP A 185 -10.25 1.76 -3.28
N LEU A 186 -10.93 0.63 -3.03
CA LEU A 186 -10.32 -0.45 -2.26
C LEU A 186 -9.08 -1.01 -2.95
N LYS A 187 -9.14 -1.14 -4.29
CA LYS A 187 -8.01 -1.68 -5.02
C LYS A 187 -6.81 -0.75 -4.97
N GLY A 188 -7.05 0.55 -4.76
CA GLY A 188 -6.00 1.52 -4.67
C GLY A 188 -5.53 1.79 -3.26
N ASN A 189 -5.94 0.97 -2.29
CA ASN A 189 -5.46 1.15 -0.92
C ASN A 189 -3.95 1.18 -0.85
N THR A 190 -3.41 2.07 -0.01
CA THR A 190 -1.96 2.14 0.19
C THR A 190 -1.47 1.39 1.42
N THR A 191 -2.37 0.94 2.31
CA THR A 191 -1.99 0.47 3.64
C THR A 191 -1.97 -1.05 3.77
N GLY A 192 -2.19 -1.80 2.71
CA GLY A 192 -2.54 -3.20 2.84
C GLY A 192 -1.53 -4.27 2.56
N ALA A 193 -0.33 -3.93 2.07
CA ALA A 193 0.60 -4.94 1.57
C ALA A 193 1.11 -5.91 2.64
N ALA A 194 1.07 -5.55 3.93
CA ALA A 194 1.55 -6.42 5.00
C ALA A 194 0.46 -7.31 5.59
N SER A 195 -0.79 -7.15 5.18
CA SER A 195 -1.93 -7.77 5.85
C SER A 195 -2.43 -8.93 5.00
N ILE A 196 -3.73 -9.01 4.67
CA ILE A 196 -4.24 -10.15 3.91
C ILE A 196 -3.42 -10.39 2.65
N ARG A 197 -3.12 -9.31 1.90
N ARG A 197 -3.11 -9.31 1.92
CA ARG A 197 -2.34 -9.42 0.66
CA ARG A 197 -2.34 -9.40 0.67
C ARG A 197 -1.07 -10.23 0.84
C ARG A 197 -1.06 -10.21 0.83
N ALA A 198 -0.39 -10.07 1.97
CA ALA A 198 0.91 -10.73 2.14
C ALA A 198 0.80 -12.25 2.22
N GLY A 199 -0.37 -12.78 2.57
CA GLY A 199 -0.55 -14.21 2.62
C GLY A 199 -1.07 -14.82 1.34
N LEU A 200 -1.27 -14.02 0.30
CA LEU A 200 -1.88 -14.50 -0.93
C LEU A 200 -0.88 -14.47 -2.08
N PRO A 201 -1.07 -15.31 -3.10
CA PRO A 201 -0.20 -15.23 -4.29
C PRO A 201 -0.20 -13.83 -4.88
N THR A 202 0.97 -13.39 -5.35
CA THR A 202 1.12 -12.03 -5.84
C THR A 202 0.27 -11.77 -7.07
N SER A 203 0.00 -12.81 -7.86
CA SER A 203 -0.78 -12.62 -9.08
C SER A 203 -2.24 -12.31 -8.81
N TRP A 204 -2.72 -12.52 -7.59
CA TRP A 204 -4.12 -12.24 -7.29
C TRP A 204 -4.35 -10.76 -7.06
N THR A 205 -5.55 -10.30 -7.41
CA THR A 205 -5.91 -8.89 -7.28
C THR A 205 -6.69 -8.72 -5.99
N VAL A 206 -6.30 -7.73 -5.18
CA VAL A 206 -6.89 -7.52 -3.88
C VAL A 206 -7.33 -6.06 -3.74
N GLY A 207 -8.52 -5.86 -3.19
CA GLY A 207 -8.92 -4.56 -2.69
C GLY A 207 -9.21 -4.72 -1.21
N ASP A 208 -8.68 -3.87 -0.35
CA ASP A 208 -8.81 -4.11 1.08
C ASP A 208 -8.88 -2.80 1.85
N LYS A 209 -9.32 -2.91 3.11
CA LYS A 209 -9.23 -1.82 4.06
C LYS A 209 -8.71 -2.36 5.37
N THR A 210 -7.62 -1.78 5.88
CA THR A 210 -7.02 -2.20 7.14
C THR A 210 -7.63 -1.43 8.30
N GLY A 211 -7.34 -1.92 9.50
CA GLY A 211 -7.66 -1.16 10.71
C GLY A 211 -6.67 -1.49 11.80
N SER A 212 -6.46 -0.52 12.69
CA SER A 212 -5.65 -0.76 13.88
C SER A 212 -6.16 0.08 15.02
N GLY A 213 -5.91 -0.39 16.24
CA GLY A 213 -6.28 0.39 17.40
C GLY A 213 -5.62 -0.13 18.64
N ASP A 214 -6.19 0.27 19.77
CA ASP A 214 -5.65 -0.15 21.06
C ASP A 214 -5.82 -1.65 21.22
N TYR A 215 -5.22 -2.19 22.28
CA TYR A 215 -5.17 -3.63 22.52
C TYR A 215 -4.57 -4.38 21.32
N GLY A 216 -3.62 -3.74 20.63
CA GLY A 216 -2.96 -4.36 19.49
C GLY A 216 -3.93 -4.84 18.44
N THR A 217 -5.05 -4.15 18.32
CA THR A 217 -6.06 -4.57 17.36
C THR A 217 -5.51 -4.36 15.95
N THR A 218 -5.59 -5.40 15.14
CA THR A 218 -5.00 -5.41 13.80
C THR A 218 -6.00 -6.10 12.89
N ASN A 219 -6.58 -5.36 11.95
CA ASN A 219 -7.70 -5.85 11.15
C ASN A 219 -7.43 -5.66 9.65
N ASP A 220 -8.14 -6.45 8.84
CA ASP A 220 -8.14 -6.23 7.40
C ASP A 220 -9.40 -6.88 6.83
N ILE A 221 -10.05 -6.20 5.89
CA ILE A 221 -11.20 -6.77 5.19
C ILE A 221 -10.95 -6.60 3.70
N ALA A 222 -11.17 -7.67 2.92
CA ALA A 222 -10.69 -7.71 1.56
C ALA A 222 -11.66 -8.41 0.60
N VAL A 223 -11.70 -7.94 -0.63
N VAL A 223 -11.70 -7.92 -0.63
CA VAL A 223 -12.29 -8.68 -1.75
CA VAL A 223 -12.25 -8.66 -1.76
C VAL A 223 -11.15 -9.07 -2.68
C VAL A 223 -11.07 -9.10 -2.61
N ILE A 224 -11.12 -10.34 -3.06
CA ILE A 224 -9.95 -10.97 -3.67
C ILE A 224 -10.39 -11.59 -4.98
N TRP A 225 -9.66 -11.29 -6.04
CA TRP A 225 -9.90 -11.92 -7.35
C TRP A 225 -8.75 -12.86 -7.65
N PRO A 226 -8.86 -14.14 -7.32
CA PRO A 226 -7.76 -15.06 -7.59
C PRO A 226 -7.64 -15.30 -9.08
N GLN A 227 -6.44 -15.67 -9.49
CA GLN A 227 -6.21 -15.96 -10.89
C GLN A 227 -7.12 -17.09 -11.37
N GLY A 228 -7.98 -16.77 -12.33
CA GLY A 228 -8.78 -17.76 -13.02
C GLY A 228 -9.99 -18.27 -12.28
N ARG A 229 -10.42 -17.62 -11.19
CA ARG A 229 -11.59 -18.11 -10.48
C ARG A 229 -12.39 -16.96 -9.89
N ALA A 230 -13.55 -17.32 -9.36
CA ALA A 230 -14.49 -16.34 -8.83
C ALA A 230 -13.93 -15.66 -7.57
N PRO A 231 -14.36 -14.44 -7.28
CA PRO A 231 -13.80 -13.71 -6.16
C PRO A 231 -14.13 -14.32 -4.81
N LEU A 232 -13.27 -13.97 -3.85
CA LEU A 232 -13.45 -14.29 -2.45
C LEU A 232 -13.65 -13.00 -1.68
N VAL A 233 -14.32 -13.11 -0.54
CA VAL A 233 -14.36 -12.04 0.44
C VAL A 233 -13.76 -12.60 1.72
N LEU A 234 -12.85 -11.84 2.32
CA LEU A 234 -12.14 -12.33 3.50
C LEU A 234 -12.04 -11.23 4.54
N VAL A 235 -12.47 -11.55 5.76
CA VAL A 235 -12.33 -10.66 6.90
C VAL A 235 -11.40 -11.34 7.90
N THR A 236 -10.39 -10.62 8.37
CA THR A 236 -9.48 -11.11 9.41
C THR A 236 -9.39 -10.04 10.47
N TYR A 237 -9.92 -10.33 11.65
CA TYR A 237 -9.92 -9.43 12.78
C TYR A 237 -9.04 -10.03 13.88
N PHE A 238 -8.31 -9.17 14.59
CA PHE A 238 -7.38 -9.68 15.61
C PHE A 238 -7.22 -8.66 16.72
N THR A 239 -7.27 -9.13 17.96
CA THR A 239 -7.07 -8.22 19.09
C THR A 239 -6.39 -8.98 20.23
N GLN A 240 -5.77 -8.25 21.15
CA GLN A 240 -4.80 -8.82 22.06
C GLN A 240 -5.10 -8.42 23.49
N PRO A 241 -4.50 -9.11 24.48
CA PRO A 241 -4.89 -8.87 25.88
C PRO A 241 -4.38 -7.59 26.49
N GLN A 242 -3.28 -7.04 25.99
N GLN A 242 -3.26 -7.05 26.03
CA GLN A 242 -2.63 -5.88 26.59
CA GLN A 242 -2.65 -5.88 26.65
C GLN A 242 -3.02 -4.61 25.85
C GLN A 242 -3.04 -4.62 25.88
N GLN A 243 -3.44 -3.58 26.61
CA GLN A 243 -3.90 -2.34 25.99
C GLN A 243 -2.88 -1.73 25.04
N ASN A 244 -1.59 -1.82 25.35
N ASN A 244 -1.59 -1.84 25.35
CA ASN A 244 -0.58 -1.20 24.51
CA ASN A 244 -0.52 -1.22 24.57
C ASN A 244 0.20 -2.25 23.70
C ASN A 244 0.18 -2.21 23.64
N ALA A 245 -0.47 -3.34 23.34
CA ALA A 245 0.16 -4.36 22.52
C ALA A 245 0.54 -3.83 21.14
N GLU A 246 1.57 -4.43 20.57
CA GLU A 246 2.06 -4.09 19.25
C GLU A 246 1.11 -4.63 18.17
N SER A 247 1.14 -4.01 17.00
N SER A 247 1.15 -4.00 17.00
CA SER A 247 0.37 -4.51 15.87
CA SER A 247 0.39 -4.50 15.86
C SER A 247 0.94 -5.83 15.37
C SER A 247 0.94 -5.85 15.39
N ARG A 248 0.07 -6.66 14.82
CA ARG A 248 0.44 -8.00 14.35
C ARG A 248 -0.16 -8.28 12.96
N ARG A 249 0.23 -7.46 11.99
N ARG A 249 0.22 -7.46 11.98
CA ARG A 249 -0.28 -7.67 10.63
CA ARG A 249 -0.27 -7.67 10.62
C ARG A 249 0.15 -9.02 10.07
C ARG A 249 0.14 -9.03 10.09
N ASP A 250 1.26 -9.58 10.58
CA ASP A 250 1.70 -10.90 10.14
C ASP A 250 0.69 -12.00 10.48
N VAL A 251 -0.07 -11.82 11.56
CA VAL A 251 -1.10 -12.81 11.91
C VAL A 251 -2.21 -12.80 10.86
N LEU A 252 -2.56 -11.61 10.36
CA LEU A 252 -3.56 -11.54 9.30
C LEU A 252 -3.05 -12.18 8.02
N ALA A 253 -1.79 -11.93 7.67
CA ALA A 253 -1.21 -12.58 6.50
C ALA A 253 -1.18 -14.10 6.67
N SER A 254 -0.85 -14.57 7.88
N SER A 254 -0.85 -14.57 7.88
CA SER A 254 -0.81 -16.00 8.14
CA SER A 254 -0.81 -16.00 8.13
C SER A 254 -2.20 -16.62 8.03
C SER A 254 -2.20 -16.62 8.02
N ALA A 255 -3.23 -15.93 8.53
CA ALA A 255 -4.60 -16.42 8.37
C ALA A 255 -4.98 -16.50 6.90
N ALA A 256 -4.67 -15.46 6.12
CA ALA A 256 -4.98 -15.48 4.70
C ALA A 256 -4.26 -16.62 3.99
N ARG A 257 -3.01 -16.89 4.38
CA ARG A 257 -2.23 -17.93 3.74
C ARG A 257 -2.83 -19.30 4.02
N ILE A 258 -3.30 -19.52 5.25
CA ILE A 258 -3.99 -20.76 5.59
C ILE A 258 -5.24 -20.92 4.74
N ILE A 259 -6.01 -19.84 4.62
CA ILE A 259 -7.25 -19.88 3.85
C ILE A 259 -6.96 -20.20 2.39
N ALA A 260 -5.88 -19.60 1.84
CA ALA A 260 -5.55 -19.82 0.43
C ALA A 260 -5.04 -21.25 0.19
N GLU A 261 -4.41 -21.86 1.19
CA GLU A 261 -4.02 -23.27 1.08
C GLU A 261 -5.23 -24.17 0.99
N GLY A 262 -6.15 -24.07 1.97
CA GLY A 262 -7.32 -24.91 2.03
C GLY A 262 -8.29 -24.66 0.90
N LEU A 263 -7.93 -23.72 0.02
CA LEU A 263 -8.72 -23.36 -1.14
C LEU A 263 -8.07 -24.00 -2.37
N GLN B 1 35.76 4.15 11.21
CA GLN B 1 34.69 4.88 10.55
C GLN B 1 33.48 3.98 10.36
N THR B 2 33.08 3.32 11.45
CA THR B 2 31.87 2.53 11.48
C THR B 2 31.00 3.08 12.60
N SER B 3 29.83 3.60 12.24
CA SER B 3 28.94 4.20 13.21
C SER B 3 28.09 3.14 13.91
N ALA B 4 27.41 3.57 14.99
CA ALA B 4 26.50 2.68 15.69
C ALA B 4 25.42 2.15 14.75
N VAL B 5 24.87 3.03 13.91
CA VAL B 5 23.83 2.63 12.95
C VAL B 5 24.40 1.64 11.95
N GLN B 6 25.61 1.90 11.43
CA GLN B 6 26.21 0.95 10.52
C GLN B 6 26.44 -0.40 11.19
N GLN B 7 26.80 -0.41 12.47
N GLN B 7 26.82 -0.40 12.47
CA GLN B 7 26.99 -1.67 13.17
CA GLN B 7 26.99 -1.67 13.18
C GLN B 7 25.68 -2.44 13.32
C GLN B 7 25.68 -2.43 13.27
N LYS B 8 24.58 -1.73 13.57
CA LYS B 8 23.29 -2.39 13.68
C LYS B 8 22.84 -2.95 12.33
N LEU B 9 23.08 -2.21 11.24
CA LEU B 9 22.73 -2.72 9.92
C LEU B 9 23.54 -3.97 9.57
N ALA B 10 24.82 -4.00 9.99
CA ALA B 10 25.64 -5.18 9.75
C ALA B 10 25.13 -6.37 10.55
N ALA B 11 24.66 -6.14 11.78
CA ALA B 11 24.08 -7.24 12.56
C ALA B 11 22.79 -7.73 11.94
N LEU B 12 21.97 -6.81 11.44
CA LEU B 12 20.77 -7.22 10.73
C LEU B 12 21.13 -8.07 9.52
N GLU B 13 22.10 -7.61 8.74
CA GLU B 13 22.50 -8.35 7.55
C GLU B 13 23.00 -9.73 7.92
N LYS B 14 23.80 -9.84 8.97
CA LYS B 14 24.38 -11.12 9.35
C LYS B 14 23.28 -12.14 9.64
N SER B 15 22.21 -11.73 10.31
N SER B 15 22.21 -11.71 10.29
CA SER B 15 21.16 -12.69 10.61
CA SER B 15 21.08 -12.57 10.65
C SER B 15 20.22 -12.93 9.44
C SER B 15 20.07 -12.75 9.54
N SER B 16 20.27 -12.11 8.39
CA SER B 16 19.32 -12.19 7.29
C SER B 16 19.67 -13.28 6.28
N GLY B 17 20.92 -13.71 6.25
CA GLY B 17 21.41 -14.60 5.24
C GLY B 17 21.88 -13.93 3.97
N GLY B 18 21.44 -12.69 3.69
CA GLY B 18 21.67 -12.07 2.42
C GLY B 18 22.61 -10.89 2.48
N ARG B 19 22.52 -10.04 1.46
CA ARG B 19 23.35 -8.85 1.31
C ARG B 19 22.45 -7.63 1.28
N LEU B 20 22.73 -6.67 2.16
CA LEU B 20 21.89 -5.51 2.42
C LEU B 20 22.63 -4.24 2.00
N GLY B 21 21.93 -3.35 1.29
CA GLY B 21 22.47 -2.06 0.92
C GLY B 21 21.54 -0.94 1.33
N VAL B 22 22.06 0.09 1.99
CA VAL B 22 21.25 1.17 2.53
C VAL B 22 21.91 2.50 2.20
N ALA B 23 21.11 3.47 1.77
CA ALA B 23 21.55 4.86 1.70
C ALA B 23 20.43 5.77 2.19
N LEU B 24 20.72 6.56 3.21
CA LEU B 24 19.86 7.60 3.72
C LEU B 24 20.45 8.96 3.40
N ILE B 25 19.61 9.89 2.94
CA ILE B 25 19.95 11.31 2.93
C ILE B 25 18.96 12.02 3.85
N ASP B 26 19.46 12.70 4.87
CA ASP B 26 18.63 13.53 5.72
C ASP B 26 18.71 14.95 5.18
N THR B 27 17.63 15.45 4.60
CA THR B 27 17.70 16.80 4.03
C THR B 27 17.64 17.89 5.09
N ALA B 28 17.56 17.53 6.38
CA ALA B 28 17.68 18.53 7.45
C ALA B 28 19.09 19.10 7.50
N ASP B 29 20.10 18.27 7.24
CA ASP B 29 21.50 18.68 7.26
C ASP B 29 22.29 18.15 6.08
N ASN B 30 21.66 17.42 5.16
CA ASN B 30 22.27 16.80 3.98
C ASN B 30 23.22 15.66 4.33
N THR B 31 23.23 15.21 5.58
CA THR B 31 24.11 14.12 5.96
C THR B 31 23.60 12.79 5.41
N GLN B 32 24.51 11.84 5.34
CA GLN B 32 24.23 10.56 4.72
C GLN B 32 24.60 9.44 5.66
N VAL B 33 23.83 8.37 5.61
CA VAL B 33 24.18 7.10 6.25
C VAL B 33 24.19 6.05 5.15
N LEU B 34 25.32 5.36 5.00
CA LEU B 34 25.53 4.41 3.92
C LEU B 34 25.90 3.07 4.51
N TYR B 35 25.35 2.00 3.95
CA TYR B 35 25.79 0.64 4.27
C TYR B 35 25.88 -0.10 2.95
N ARG B 36 27.09 -0.55 2.60
CA ARG B 36 27.36 -1.03 1.24
C ARG B 36 26.86 -0.04 0.19
N GLY B 37 27.09 1.26 0.48
CA GLY B 37 26.52 2.31 -0.34
C GLY B 37 27.03 2.33 -1.77
N ASP B 38 28.21 1.78 -2.02
CA ASP B 38 28.80 1.81 -3.34
C ASP B 38 28.87 0.44 -4.00
N GLU B 39 28.17 -0.55 -3.43
CA GLU B 39 28.05 -1.86 -4.06
C GLU B 39 26.82 -1.86 -4.98
N ARG B 40 26.92 -2.61 -6.08
CA ARG B 40 25.80 -2.69 -7.01
C ARG B 40 24.77 -3.71 -6.54
N PHE B 41 23.50 -3.41 -6.78
CA PHE B 41 22.38 -4.28 -6.48
C PHE B 41 21.43 -4.28 -7.67
N PRO B 42 20.74 -5.39 -7.94
CA PRO B 42 19.70 -5.38 -8.98
C PRO B 42 18.52 -4.53 -8.55
N MET B 43 18.08 -3.63 -9.44
CA MET B 43 17.04 -2.66 -9.13
C MET B 43 15.65 -3.27 -9.13
N CYS B 44 15.40 -4.24 -10.01
CA CYS B 44 14.07 -4.76 -10.28
C CYS B 44 13.10 -3.59 -10.47
N SER B 45 11.92 -3.63 -9.87
CA SER B 45 10.92 -2.62 -10.23
C SER B 45 11.22 -1.24 -9.68
N THR B 46 12.23 -1.06 -8.83
CA THR B 46 12.56 0.31 -8.45
C THR B 46 13.05 1.14 -9.64
N SER B 47 13.50 0.48 -10.72
CA SER B 47 13.86 1.19 -11.94
C SER B 47 12.66 1.87 -12.60
N LYS B 48 11.44 1.53 -12.20
CA LYS B 48 10.27 2.16 -12.80
C LYS B 48 10.22 3.64 -12.47
N VAL B 49 10.82 4.05 -11.35
CA VAL B 49 10.86 5.46 -11.01
C VAL B 49 11.67 6.23 -12.05
N MET B 50 12.82 5.70 -12.46
CA MET B 50 13.62 6.43 -13.44
C MET B 50 12.91 6.52 -14.78
N ALA B 51 12.23 5.44 -15.19
CA ALA B 51 11.51 5.46 -16.46
C ALA B 51 10.34 6.44 -16.43
N ALA B 52 9.54 6.41 -15.36
CA ALA B 52 8.45 7.37 -15.26
C ALA B 52 8.96 8.81 -15.24
N ALA B 53 10.06 9.05 -14.50
CA ALA B 53 10.62 10.40 -14.44
C ALA B 53 11.14 10.85 -15.80
N ALA B 54 11.70 9.92 -16.59
CA ALA B 54 12.20 10.29 -17.91
C ALA B 54 11.06 10.73 -18.82
N VAL B 55 9.92 10.05 -18.73
CA VAL B 55 8.76 10.43 -19.53
C VAL B 55 8.19 11.76 -19.03
N LEU B 56 8.16 11.96 -17.71
CA LEU B 56 7.79 13.28 -17.18
C LEU B 56 8.69 14.37 -17.75
N LYS B 57 10.00 14.11 -17.85
CA LYS B 57 10.89 15.11 -18.43
C LYS B 57 10.53 15.38 -19.89
N GLN B 58 10.21 14.34 -20.65
CA GLN B 58 9.77 14.55 -22.03
C GLN B 58 8.52 15.42 -22.08
N SER B 59 7.61 15.23 -21.12
CA SER B 59 6.35 15.98 -21.14
C SER B 59 6.55 17.46 -20.86
N GLU B 60 7.73 17.87 -20.37
CA GLU B 60 7.95 19.29 -20.12
C GLU B 60 7.98 20.07 -21.42
N THR B 61 8.32 19.43 -22.53
CA THR B 61 8.30 20.13 -23.82
C THR B 61 7.16 19.64 -24.71
N GLN B 62 6.24 18.85 -24.17
CA GLN B 62 5.05 18.34 -24.89
C GLN B 62 3.89 18.31 -23.90
N LYS B 63 3.08 19.35 -23.91
CA LYS B 63 2.07 19.51 -22.87
C LYS B 63 1.04 18.38 -22.89
N GLN B 64 0.80 17.78 -24.05
CA GLN B 64 -0.19 16.72 -24.18
C GLN B 64 0.41 15.31 -24.16
N LEU B 65 1.70 15.17 -23.84
CA LEU B 65 2.34 13.86 -23.97
C LEU B 65 1.69 12.83 -23.07
N LEU B 66 1.39 13.22 -21.83
CA LEU B 66 0.84 12.24 -20.89
C LEU B 66 -0.55 11.79 -21.28
N ASN B 67 -1.22 12.46 -22.21
CA ASN B 67 -2.51 12.00 -22.70
C ASN B 67 -2.39 11.21 -24.00
N GLN B 68 -1.17 10.98 -24.47
CA GLN B 68 -0.95 10.26 -25.71
C GLN B 68 -1.30 8.78 -25.53
N PRO B 69 -2.13 8.22 -26.39
CA PRO B 69 -2.49 6.80 -26.26
C PRO B 69 -1.40 5.88 -26.77
N VAL B 70 -1.30 4.72 -26.13
CA VAL B 70 -0.37 3.67 -26.49
C VAL B 70 -1.17 2.38 -26.62
N GLU B 71 -1.03 1.69 -27.76
CA GLU B 71 -1.78 0.45 -27.91
C GLU B 71 -1.20 -0.67 -27.07
N ILE B 72 -2.09 -1.43 -26.44
CA ILE B 72 -1.76 -2.64 -25.68
C ILE B 72 -2.26 -3.83 -26.47
N LYS B 73 -1.36 -4.71 -26.85
CA LYS B 73 -1.72 -5.89 -27.62
C LYS B 73 -1.47 -7.16 -26.79
N PRO B 74 -2.17 -8.25 -27.11
CA PRO B 74 -1.93 -9.51 -26.35
C PRO B 74 -0.47 -9.89 -26.24
N ALA B 75 0.32 -9.68 -27.30
CA ALA B 75 1.74 -10.00 -27.25
C ALA B 75 2.52 -9.14 -26.27
N ASP B 76 1.98 -7.98 -25.87
CA ASP B 76 2.69 -7.09 -24.97
C ASP B 76 2.63 -7.52 -23.51
N LEU B 77 1.71 -8.42 -23.17
CA LEU B 77 1.59 -8.84 -21.77
C LEU B 77 2.78 -9.69 -21.37
N VAL B 78 3.33 -9.39 -20.19
CA VAL B 78 4.45 -10.18 -19.69
C VAL B 78 3.98 -10.94 -18.45
N ASN B 79 4.74 -10.91 -17.35
CA ASN B 79 4.47 -11.85 -16.27
C ASN B 79 3.58 -11.26 -15.17
N TYR B 80 3.50 -9.94 -15.05
CA TYR B 80 2.68 -9.31 -14.01
C TYR B 80 2.15 -7.99 -14.56
N ASN B 81 0.88 -7.97 -14.95
CA ASN B 81 0.32 -6.83 -15.66
C ASN B 81 -1.12 -6.61 -15.23
N PRO B 82 -1.36 -6.33 -13.94
CA PRO B 82 -2.75 -6.26 -13.47
C PRO B 82 -3.55 -5.15 -14.11
N ILE B 83 -2.93 -4.03 -14.47
CA ILE B 83 -3.67 -2.94 -15.11
C ILE B 83 -3.71 -3.11 -16.62
N ALA B 84 -2.55 -3.39 -17.23
CA ALA B 84 -2.50 -3.44 -18.69
C ALA B 84 -3.37 -4.57 -19.25
N GLU B 85 -3.55 -5.67 -18.52
N GLU B 85 -3.52 -5.66 -18.50
CA GLU B 85 -4.35 -6.73 -19.13
CA GLU B 85 -4.35 -6.77 -18.97
C GLU B 85 -5.81 -6.34 -19.26
C GLU B 85 -5.78 -6.31 -19.26
N LYS B 86 -6.28 -5.35 -18.49
CA LYS B 86 -7.65 -4.85 -18.66
C LYS B 86 -7.81 -4.06 -19.95
N HIS B 87 -6.71 -3.63 -20.57
CA HIS B 87 -6.75 -2.76 -21.74
C HIS B 87 -6.20 -3.41 -22.99
N VAL B 88 -6.00 -4.73 -22.99
N VAL B 88 -6.00 -4.74 -22.98
CA VAL B 88 -5.51 -5.41 -24.18
CA VAL B 88 -5.53 -5.40 -24.19
C VAL B 88 -6.51 -5.21 -25.32
C VAL B 88 -6.51 -5.14 -25.32
N ASN B 89 -5.97 -4.98 -26.52
CA ASN B 89 -6.71 -4.59 -27.73
C ASN B 89 -7.27 -3.19 -27.65
N GLY B 90 -6.89 -2.42 -26.62
CA GLY B 90 -7.26 -1.03 -26.45
C GLY B 90 -6.01 -0.19 -26.27
N THR B 91 -6.17 0.94 -25.58
CA THR B 91 -5.07 1.85 -25.35
C THR B 91 -5.02 2.29 -23.90
N MET B 92 -3.86 2.83 -23.53
CA MET B 92 -3.62 3.44 -22.23
C MET B 92 -2.79 4.69 -22.52
N THR B 93 -3.08 5.79 -21.83
CA THR B 93 -2.22 6.96 -22.02
C THR B 93 -0.90 6.80 -21.26
N LEU B 94 0.08 7.62 -21.62
CA LEU B 94 1.35 7.55 -20.90
C LEU B 94 1.19 7.89 -19.42
N ALA B 95 0.22 8.76 -19.07
CA ALA B 95 -0.03 8.98 -17.64
C ALA B 95 -0.58 7.71 -16.99
N GLU B 96 -1.50 7.03 -17.65
CA GLU B 96 -2.06 5.78 -17.10
C GLU B 96 -0.98 4.72 -16.96
N LEU B 97 -0.11 4.60 -17.98
CA LEU B 97 1.00 3.66 -17.89
C LEU B 97 1.96 4.01 -16.76
N SER B 98 2.27 5.30 -16.60
CA SER B 98 3.14 5.71 -15.49
C SER B 98 2.51 5.36 -14.14
N ALA B 99 1.23 5.68 -13.96
CA ALA B 99 0.57 5.38 -12.70
C ALA B 99 0.51 3.88 -12.45
N ALA B 100 0.24 3.09 -13.49
CA ALA B 100 0.17 1.64 -13.30
C ALA B 100 1.52 1.05 -12.97
N ALA B 101 2.58 1.51 -13.66
CA ALA B 101 3.92 1.04 -13.35
C ALA B 101 4.29 1.38 -11.92
N LEU B 102 4.05 2.62 -11.49
CA LEU B 102 4.55 3.06 -10.18
C LEU B 102 3.69 2.54 -9.05
N GLN B 103 2.37 2.57 -9.20
CA GLN B 103 1.51 2.28 -8.07
C GLN B 103 1.09 0.82 -7.96
N TYR B 104 1.13 0.07 -9.06
CA TYR B 104 0.80 -1.34 -9.06
C TYR B 104 1.95 -2.22 -9.51
N SER B 105 3.07 -1.62 -9.92
CA SER B 105 4.27 -2.33 -10.37
C SER B 105 3.96 -3.16 -11.62
N ASP B 106 3.11 -2.60 -12.50
CA ASP B 106 2.71 -3.27 -13.74
C ASP B 106 3.89 -3.32 -14.72
N ASN B 107 4.27 -4.53 -15.13
CA ASN B 107 5.47 -4.72 -15.94
C ASN B 107 5.23 -4.41 -17.42
N THR B 108 4.04 -4.68 -17.94
CA THR B 108 3.73 -4.24 -19.29
C THR B 108 3.78 -2.73 -19.39
N ALA B 109 3.25 -2.03 -18.36
CA ALA B 109 3.28 -0.58 -18.38
C ALA B 109 4.72 -0.07 -18.38
N MET B 110 5.60 -0.69 -17.58
CA MET B 110 7.02 -0.35 -17.64
C MET B 110 7.57 -0.48 -19.06
N ASN B 111 7.24 -1.59 -19.75
CA ASN B 111 7.80 -1.78 -21.09
C ASN B 111 7.32 -0.71 -22.05
N LYS B 112 6.12 -0.17 -21.85
CA LYS B 112 5.67 0.94 -22.70
C LYS B 112 6.42 2.23 -22.39
N LEU B 113 6.76 2.46 -21.11
CA LEU B 113 7.60 3.61 -20.79
C LEU B 113 8.98 3.46 -21.42
N ILE B 114 9.57 2.26 -21.33
CA ILE B 114 10.89 2.04 -21.92
C ILE B 114 10.84 2.26 -23.43
N ALA B 115 9.79 1.77 -24.09
CA ALA B 115 9.69 1.95 -25.54
C ALA B 115 9.55 3.44 -25.90
N GLN B 116 8.78 4.19 -25.10
CA GLN B 116 8.63 5.63 -25.30
C GLN B 116 9.97 6.36 -25.19
N LEU B 117 10.94 5.78 -24.50
CA LEU B 117 12.25 6.38 -24.33
C LEU B 117 13.28 5.82 -25.31
N GLY B 118 12.86 4.92 -26.20
CA GLY B 118 13.77 4.38 -27.18
C GLY B 118 14.49 3.11 -26.79
N GLY B 119 14.09 2.47 -25.69
CA GLY B 119 14.75 1.28 -25.23
C GLY B 119 15.39 1.51 -23.88
N PRO B 120 15.91 0.43 -23.27
CA PRO B 120 16.52 0.58 -21.94
C PRO B 120 17.58 1.67 -21.86
N GLY B 121 18.41 1.81 -22.90
CA GLY B 121 19.42 2.85 -22.95
C GLY B 121 18.87 4.26 -22.91
N GLY B 122 17.61 4.44 -23.32
CA GLY B 122 16.99 5.75 -23.16
C GLY B 122 16.75 6.08 -21.71
N VAL B 123 16.48 5.07 -20.89
CA VAL B 123 16.34 5.31 -19.45
C VAL B 123 17.69 5.66 -18.86
N THR B 124 18.73 4.89 -19.20
CA THR B 124 20.09 5.18 -18.76
C THR B 124 20.51 6.59 -19.17
N ALA B 125 20.18 6.98 -20.42
CA ALA B 125 20.54 8.32 -20.88
C ALA B 125 19.90 9.41 -20.04
N PHE B 126 18.64 9.24 -19.65
CA PHE B 126 18.03 10.21 -18.76
C PHE B 126 18.74 10.27 -17.42
N ALA B 127 19.11 9.11 -16.88
CA ALA B 127 19.84 9.10 -15.62
C ALA B 127 21.13 9.92 -15.75
N ARG B 128 21.87 9.74 -16.85
CA ARG B 128 23.09 10.53 -17.03
C ARG B 128 22.77 12.02 -17.10
N ALA B 129 21.67 12.39 -17.77
CA ALA B 129 21.33 13.79 -17.93
C ALA B 129 21.00 14.46 -16.61
N ILE B 130 20.64 13.72 -15.57
CA ILE B 130 20.37 14.33 -14.27
C ILE B 130 21.46 14.02 -13.26
N GLY B 131 22.63 13.62 -13.74
CA GLY B 131 23.81 13.52 -12.91
C GLY B 131 24.07 12.16 -12.30
N ASP B 132 23.35 11.13 -12.73
CA ASP B 132 23.50 9.78 -12.19
C ASP B 132 24.38 9.01 -13.15
N GLU B 133 25.62 8.78 -12.75
CA GLU B 133 26.62 8.10 -13.57
C GLU B 133 26.66 6.59 -13.29
N THR B 134 25.77 6.09 -12.44
CA THR B 134 25.85 4.73 -11.91
C THR B 134 24.74 3.83 -12.42
N PHE B 135 23.51 4.36 -12.42
CA PHE B 135 22.34 3.63 -12.90
C PHE B 135 22.59 3.06 -14.28
N ARG B 136 22.17 1.82 -14.50
CA ARG B 136 22.10 1.32 -15.86
C ARG B 136 20.87 0.45 -16.01
N LEU B 137 20.12 0.67 -17.08
CA LEU B 137 19.04 -0.22 -17.49
C LEU B 137 19.45 -0.84 -18.81
N ASP B 138 19.47 -2.18 -18.85
CA ASP B 138 19.96 -2.93 -19.99
C ASP B 138 18.91 -3.79 -20.67
N ARG B 139 17.85 -4.16 -19.97
CA ARG B 139 16.84 -5.06 -20.52
C ARG B 139 15.46 -4.52 -20.20
N THR B 140 14.47 -5.11 -20.84
CA THR B 140 13.07 -4.84 -20.59
C THR B 140 12.54 -5.79 -19.51
N GLU B 141 11.25 -5.62 -19.16
CA GLU B 141 10.55 -6.62 -18.35
C GLU B 141 10.20 -7.84 -19.20
N PRO B 142 10.31 -9.06 -18.65
CA PRO B 142 10.63 -9.38 -17.26
C PRO B 142 12.08 -9.71 -17.00
N THR B 143 12.94 -9.75 -18.03
CA THR B 143 14.28 -10.26 -17.80
C THR B 143 15.16 -9.31 -16.99
N LEU B 144 14.80 -8.03 -16.86
CA LEU B 144 15.59 -7.17 -15.99
C LEU B 144 15.53 -7.60 -14.53
N ASN B 145 14.71 -8.59 -14.16
CA ASN B 145 14.59 -9.08 -12.79
C ASN B 145 15.40 -10.33 -12.50
N THR B 146 16.27 -10.78 -13.41
CA THR B 146 17.00 -12.01 -13.17
C THR B 146 17.92 -11.91 -11.95
N ALA B 147 18.46 -10.72 -11.67
CA ALA B 147 19.12 -10.41 -10.39
C ALA B 147 20.26 -11.38 -10.07
N ILE B 148 20.99 -11.79 -11.10
CA ILE B 148 22.07 -12.78 -10.93
C ILE B 148 23.21 -12.15 -10.16
N PRO B 149 23.76 -12.79 -9.13
CA PRO B 149 24.87 -12.14 -8.41
C PRO B 149 26.05 -11.89 -9.33
N GLY B 150 26.66 -10.72 -9.18
CA GLY B 150 27.80 -10.33 -10.00
C GLY B 150 27.46 -9.75 -11.35
N ASP B 151 26.19 -9.79 -11.74
CA ASP B 151 25.76 -9.33 -13.05
C ASP B 151 25.52 -7.82 -12.98
N PRO B 152 26.20 -7.01 -13.79
CA PRO B 152 26.02 -5.55 -13.70
C PRO B 152 24.76 -5.05 -14.38
N ARG B 153 24.10 -5.87 -15.20
CA ARG B 153 22.92 -5.40 -15.92
C ARG B 153 21.81 -5.01 -14.95
N ASP B 154 21.19 -3.88 -15.24
CA ASP B 154 19.99 -3.46 -14.53
C ASP B 154 20.27 -3.28 -13.04
N THR B 155 21.40 -2.65 -12.74
CA THR B 155 21.83 -2.41 -11.37
C THR B 155 22.06 -0.92 -11.13
N THR B 156 22.11 -0.59 -9.84
CA THR B 156 22.68 0.68 -9.38
C THR B 156 23.24 0.48 -7.98
N THR B 157 23.74 1.54 -7.36
CA THR B 157 24.19 1.51 -5.98
C THR B 157 23.23 2.26 -5.08
N PRO B 158 23.19 1.95 -3.78
CA PRO B 158 22.28 2.71 -2.90
C PRO B 158 22.59 4.20 -2.89
N ARG B 159 23.87 4.57 -2.86
CA ARG B 159 24.24 5.97 -2.86
C ARG B 159 23.71 6.68 -4.08
N ALA B 160 23.91 6.08 -5.26
CA ALA B 160 23.46 6.76 -6.47
C ALA B 160 21.94 6.89 -6.51
N MET B 161 21.21 5.85 -6.10
N MET B 161 21.22 5.84 -6.11
CA MET B 161 19.77 5.93 -6.24
CA MET B 161 19.76 5.90 -6.22
C MET B 161 19.16 6.88 -5.22
C MET B 161 19.18 6.88 -5.21
N ALA B 162 19.76 6.97 -4.02
CA ALA B 162 19.26 7.94 -3.05
C ALA B 162 19.46 9.37 -3.54
N GLN B 163 20.63 9.67 -4.11
CA GLN B 163 20.89 11.00 -4.65
C GLN B 163 19.93 11.33 -5.78
N THR B 164 19.73 10.38 -6.70
CA THR B 164 18.81 10.63 -7.80
C THR B 164 17.38 10.80 -7.31
N LEU B 165 16.94 9.96 -6.37
CA LEU B 165 15.57 10.11 -5.89
C LEU B 165 15.38 11.46 -5.23
N ARG B 166 16.39 11.94 -4.48
CA ARG B 166 16.28 13.28 -3.90
C ARG B 166 16.14 14.33 -5.00
N GLN B 167 16.98 14.25 -6.03
CA GLN B 167 16.92 15.25 -7.10
C GLN B 167 15.59 15.23 -7.84
N LEU B 168 15.02 14.04 -8.01
CA LEU B 168 13.74 13.91 -8.73
C LEU B 168 12.57 14.43 -7.90
N THR B 169 12.55 14.12 -6.61
CA THR B 169 11.34 14.36 -5.80
C THR B 169 11.39 15.62 -4.95
N LEU B 170 12.58 16.07 -4.56
CA LEU B 170 12.73 17.24 -3.72
C LEU B 170 13.54 18.33 -4.38
N GLY B 171 14.40 17.99 -5.33
CA GLY B 171 15.21 18.94 -6.07
C GLY B 171 14.59 19.36 -7.38
N HIS B 172 15.44 19.72 -8.33
CA HIS B 172 14.99 20.40 -9.54
C HIS B 172 15.36 19.63 -10.81
N ALA B 173 15.46 18.31 -10.71
CA ALA B 173 15.73 17.50 -11.89
C ALA B 173 14.54 17.51 -12.85
N LEU B 174 13.34 17.66 -12.31
CA LEU B 174 12.12 17.85 -13.09
C LEU B 174 11.57 19.25 -12.87
N GLY B 175 10.71 19.67 -13.80
CA GLY B 175 9.91 20.87 -13.56
C GLY B 175 8.99 20.72 -12.37
N GLU B 176 8.54 21.85 -11.82
CA GLU B 176 7.76 21.83 -10.58
C GLU B 176 6.51 20.98 -10.70
N THR B 177 5.76 21.14 -11.80
CA THR B 177 4.54 20.36 -11.99
C THR B 177 4.84 18.88 -12.11
N GLN B 178 5.93 18.54 -12.80
CA GLN B 178 6.30 17.15 -13.00
C GLN B 178 6.80 16.52 -11.71
N ARG B 179 7.59 17.26 -10.93
CA ARG B 179 8.02 16.80 -9.61
C ARG B 179 6.82 16.51 -8.73
N ALA B 180 5.82 17.40 -8.75
CA ALA B 180 4.62 17.18 -7.95
C ALA B 180 3.88 15.93 -8.41
N GLN B 181 3.81 15.70 -9.72
CA GLN B 181 3.14 14.51 -10.23
C GLN B 181 3.85 13.25 -9.78
N LEU B 182 5.19 13.24 -9.85
CA LEU B 182 5.94 12.08 -9.40
C LEU B 182 5.71 11.82 -7.91
N VAL B 183 5.73 12.87 -7.09
CA VAL B 183 5.49 12.69 -5.66
C VAL B 183 4.08 12.15 -5.42
N THR B 184 3.08 12.70 -6.12
CA THR B 184 1.71 12.21 -6.00
C THR B 184 1.63 10.72 -6.31
N TRP B 185 2.27 10.29 -7.41
CA TRP B 185 2.23 8.88 -7.77
C TRP B 185 2.89 8.02 -6.68
N LEU B 186 4.08 8.42 -6.23
CA LEU B 186 4.79 7.64 -5.21
C LEU B 186 4.00 7.54 -3.93
N LYS B 187 3.36 8.64 -3.51
CA LYS B 187 2.58 8.58 -2.28
C LYS B 187 1.37 7.67 -2.40
N GLY B 188 0.87 7.45 -3.61
CA GLY B 188 -0.24 6.54 -3.81
C GLY B 188 0.15 5.10 -4.13
N ASN B 189 1.42 4.73 -3.93
CA ASN B 189 1.81 3.35 -4.14
C ASN B 189 0.97 2.39 -3.31
N THR B 190 0.58 1.26 -3.92
CA THR B 190 -0.20 0.26 -3.19
C THR B 190 0.65 -0.85 -2.59
N THR B 191 1.94 -0.94 -2.91
CA THR B 191 2.70 -2.16 -2.65
C THR B 191 3.68 -2.04 -1.50
N GLY B 192 3.67 -0.91 -0.78
CA GLY B 192 4.78 -0.60 0.10
C GLY B 192 4.63 -0.80 1.59
N ALA B 193 3.46 -1.21 2.10
CA ALA B 193 3.23 -1.13 3.53
C ALA B 193 4.07 -2.11 4.35
N ALA B 194 4.62 -3.16 3.74
CA ALA B 194 5.43 -4.14 4.46
C ALA B 194 6.93 -3.83 4.41
N SER B 195 7.33 -2.80 3.69
CA SER B 195 8.74 -2.56 3.40
C SER B 195 9.23 -1.38 4.26
N ILE B 196 9.83 -0.33 3.69
CA ILE B 196 10.34 0.77 4.48
C ILE B 196 9.26 1.34 5.41
N ARG B 197 8.05 1.51 4.88
N ARG B 197 8.04 1.51 4.89
CA ARG B 197 6.92 2.04 5.67
CA ARG B 197 6.95 2.06 5.69
C ARG B 197 6.75 1.31 6.99
C ARG B 197 6.73 1.31 7.00
N ALA B 198 6.95 -0.01 6.99
CA ALA B 198 6.69 -0.82 8.18
C ALA B 198 7.68 -0.56 9.30
N GLY B 199 8.85 0.01 8.99
CA GLY B 199 9.82 0.30 10.02
C GLY B 199 9.77 1.70 10.55
N LEU B 200 8.85 2.54 10.07
CA LEU B 200 8.80 3.95 10.43
C LEU B 200 7.57 4.25 11.29
N PRO B 201 7.61 5.32 12.07
CA PRO B 201 6.40 5.74 12.79
C PRO B 201 5.25 5.95 11.82
N THR B 202 4.06 5.47 12.21
CA THR B 202 2.93 5.54 11.29
C THR B 202 2.52 6.98 10.97
N SER B 203 2.86 7.95 11.82
CA SER B 203 2.54 9.34 11.54
C SER B 203 3.33 9.90 10.37
N TRP B 204 4.45 9.27 10.02
CA TRP B 204 5.30 9.79 8.94
C TRP B 204 4.64 9.47 7.59
N THR B 205 4.82 10.38 6.64
CA THR B 205 4.27 10.20 5.30
C THR B 205 5.35 9.67 4.37
N VAL B 206 5.00 8.67 3.55
CA VAL B 206 5.96 7.98 2.71
C VAL B 206 5.45 7.90 1.28
N GLY B 207 6.33 8.18 0.33
CA GLY B 207 6.10 7.81 -1.06
C GLY B 207 7.21 6.85 -1.44
N ASP B 208 6.90 5.71 -2.06
CA ASP B 208 7.93 4.71 -2.25
C ASP B 208 7.66 3.90 -3.51
N LYS B 209 8.68 3.19 -3.96
CA LYS B 209 8.54 2.21 -5.02
C LYS B 209 9.31 0.95 -4.62
N THR B 210 8.61 -0.17 -4.57
CA THR B 210 9.21 -1.45 -4.22
C THR B 210 9.77 -2.14 -5.47
N GLY B 211 10.57 -3.17 -5.23
CA GLY B 211 10.98 -4.06 -6.30
C GLY B 211 11.21 -5.44 -5.76
N SER B 212 11.01 -6.44 -6.60
CA SER B 212 11.29 -7.81 -6.21
C SER B 212 11.76 -8.55 -7.46
N GLY B 213 12.60 -9.56 -7.25
CA GLY B 213 13.10 -10.32 -8.36
C GLY B 213 13.63 -11.66 -7.91
N ASP B 214 14.31 -12.34 -8.83
CA ASP B 214 14.97 -13.60 -8.49
C ASP B 214 16.06 -13.35 -7.43
N TYR B 215 16.61 -14.45 -6.91
CA TYR B 215 17.57 -14.42 -5.81
C TYR B 215 16.99 -13.73 -4.58
N GLY B 216 15.67 -13.86 -4.40
CA GLY B 216 15.03 -13.26 -3.24
C GLY B 216 15.23 -11.77 -3.15
N THR B 217 15.41 -11.11 -4.29
CA THR B 217 15.73 -9.69 -4.28
C THR B 217 14.51 -8.91 -3.83
N THR B 218 14.71 -8.06 -2.83
CA THR B 218 13.63 -7.35 -2.15
C THR B 218 14.10 -5.92 -1.93
N ASN B 219 13.47 -4.95 -2.60
CA ASN B 219 13.97 -3.59 -2.64
C ASN B 219 12.87 -2.59 -2.30
N ASP B 220 13.29 -1.39 -1.90
CA ASP B 220 12.35 -0.29 -1.68
C ASP B 220 13.15 1.01 -1.73
N ILE B 221 12.61 2.01 -2.40
CA ILE B 221 13.20 3.35 -2.40
C ILE B 221 12.12 4.35 -2.03
N ALA B 222 12.43 5.25 -1.11
CA ALA B 222 11.37 6.05 -0.50
C ALA B 222 11.80 7.49 -0.26
N VAL B 223 10.83 8.39 -0.39
N VAL B 223 10.84 8.37 -0.42
CA VAL B 223 10.95 9.75 0.11
CA VAL B 223 10.91 9.73 0.13
C VAL B 223 9.99 9.87 1.28
C VAL B 223 10.02 9.73 1.34
N ILE B 224 10.48 10.37 2.41
CA ILE B 224 9.80 10.30 3.69
C ILE B 224 9.63 11.71 4.23
N TRP B 225 8.41 12.02 4.69
CA TRP B 225 8.13 13.30 5.31
C TRP B 225 7.84 13.04 6.78
N PRO B 226 8.85 13.03 7.64
CA PRO B 226 8.61 12.71 9.06
C PRO B 226 7.83 13.83 9.72
N GLN B 227 7.10 13.45 10.76
CA GLN B 227 6.42 14.43 11.58
C GLN B 227 7.48 15.28 12.29
N GLY B 228 7.47 16.58 12.01
CA GLY B 228 8.30 17.52 12.72
C GLY B 228 9.72 17.69 12.22
N ARG B 229 10.07 17.16 11.05
N ARG B 229 10.05 17.12 11.05
CA ARG B 229 11.42 17.38 10.57
CA ARG B 229 11.41 17.11 10.52
C ARG B 229 11.45 17.26 9.05
C ARG B 229 11.39 17.40 9.02
N ALA B 230 12.56 17.75 8.48
CA ALA B 230 12.71 17.87 7.04
C ALA B 230 12.68 16.48 6.40
N PRO B 231 12.35 16.40 5.12
CA PRO B 231 12.22 15.07 4.47
C PRO B 231 13.52 14.30 4.43
N LEU B 232 13.35 12.97 4.36
CA LEU B 232 14.44 12.01 4.18
C LEU B 232 14.27 11.29 2.87
N VAL B 233 15.38 10.82 2.31
CA VAL B 233 15.37 9.88 1.19
C VAL B 233 16.04 8.61 1.69
N LEU B 234 15.41 7.46 1.46
CA LEU B 234 15.96 6.21 1.98
C LEU B 234 15.84 5.12 0.92
N VAL B 235 16.96 4.46 0.64
CA VAL B 235 17.00 3.33 -0.28
C VAL B 235 17.42 2.10 0.52
N THR B 236 16.67 1.01 0.38
CA THR B 236 17.02 -0.26 1.01
C THR B 236 16.97 -1.34 -0.05
N TYR B 237 18.11 -1.96 -0.32
CA TYR B 237 18.23 -3.01 -1.32
C TYR B 237 18.69 -4.28 -0.62
N PHE B 238 18.18 -5.42 -1.06
CA PHE B 238 18.48 -6.69 -0.40
C PHE B 238 18.43 -7.82 -1.43
N THR B 239 19.44 -8.69 -1.41
CA THR B 239 19.46 -9.80 -2.34
C THR B 239 20.14 -10.99 -1.67
N GLN B 240 19.85 -12.19 -2.16
CA GLN B 240 20.17 -13.42 -1.44
C GLN B 240 20.91 -14.38 -2.36
N PRO B 241 21.59 -15.39 -1.80
CA PRO B 241 22.49 -16.21 -2.62
C PRO B 241 21.82 -17.24 -3.51
N GLN B 242 20.59 -17.66 -3.22
CA GLN B 242 19.93 -18.72 -3.99
C GLN B 242 18.85 -18.15 -4.89
N GLN B 243 18.77 -18.68 -6.12
CA GLN B 243 17.90 -18.10 -7.14
C GLN B 243 16.43 -18.10 -6.71
N ASN B 244 16.00 -19.12 -5.96
N ASN B 244 16.01 -19.11 -5.96
CA ASN B 244 14.60 -19.26 -5.58
CA ASN B 244 14.61 -19.26 -5.58
C ASN B 244 14.30 -18.74 -4.18
C ASN B 244 14.34 -18.80 -4.16
N ALA B 245 15.17 -17.91 -3.63
CA ALA B 245 14.98 -17.40 -2.28
C ALA B 245 13.68 -16.62 -2.16
N GLU B 246 13.10 -16.66 -0.97
N GLU B 246 13.07 -16.70 -0.98
CA GLU B 246 11.85 -15.97 -0.69
CA GLU B 246 11.83 -16.00 -0.72
C GLU B 246 12.09 -14.48 -0.46
C GLU B 246 12.09 -14.53 -0.45
N SER B 247 11.05 -13.70 -0.69
N SER B 247 11.06 -13.72 -0.70
CA SER B 247 11.10 -12.26 -0.42
CA SER B 247 11.14 -12.29 -0.41
C SER B 247 11.25 -12.01 1.08
C SER B 247 11.32 -12.06 1.08
N ARG B 248 11.98 -10.94 1.41
CA ARG B 248 12.24 -10.59 2.81
C ARG B 248 11.96 -9.10 3.04
N ARG B 249 10.70 -8.69 2.88
CA ARG B 249 10.36 -7.30 3.10
C ARG B 249 10.59 -6.90 4.55
N ASP B 250 10.52 -7.88 5.46
CA ASP B 250 10.77 -7.58 6.88
C ASP B 250 12.18 -7.08 7.10
N VAL B 251 13.16 -7.52 6.29
CA VAL B 251 14.52 -7.02 6.42
C VAL B 251 14.59 -5.54 6.06
N LEU B 252 13.83 -5.13 5.05
CA LEU B 252 13.80 -3.71 4.70
C LEU B 252 13.15 -2.90 5.80
N ALA B 253 12.04 -3.41 6.35
CA ALA B 253 11.42 -2.75 7.50
C ALA B 253 12.40 -2.62 8.67
N SER B 254 13.16 -3.69 8.95
CA SER B 254 14.12 -3.63 10.04
C SER B 254 15.21 -2.60 9.78
N ALA B 255 15.68 -2.50 8.53
CA ALA B 255 16.67 -1.49 8.19
C ALA B 255 16.12 -0.09 8.39
N ALA B 256 14.89 0.15 7.94
CA ALA B 256 14.28 1.46 8.09
C ALA B 256 14.12 1.81 9.57
N ARG B 257 13.78 0.83 10.39
CA ARG B 257 13.61 1.08 11.82
C ARG B 257 14.93 1.46 12.48
N ILE B 258 16.02 0.78 12.09
CA ILE B 258 17.35 1.15 12.60
C ILE B 258 17.69 2.57 12.18
N ILE B 259 17.45 2.91 10.91
CA ILE B 259 17.72 4.27 10.42
C ILE B 259 16.94 5.30 11.23
N ALA B 260 15.65 5.04 11.48
CA ALA B 260 14.82 6.02 12.19
C ALA B 260 15.25 6.16 13.64
N GLU B 261 15.66 5.07 14.27
N GLU B 261 15.64 5.06 14.28
CA GLU B 261 16.11 5.11 15.65
CA GLU B 261 16.12 5.12 15.65
C GLU B 261 17.49 5.74 15.80
C GLU B 261 17.39 5.97 15.76
N GLY B 262 18.19 6.00 14.69
CA GLY B 262 19.46 6.69 14.69
C GLY B 262 19.40 8.16 14.36
N LEU B 263 18.22 8.70 14.08
CA LEU B 263 18.06 10.11 13.73
C LEU B 263 18.22 10.99 14.97
P PO4 C . -4.70 1.56 9.75
O1 PO4 C . -3.66 1.73 10.84
O2 PO4 C . -4.87 0.09 9.47
O3 PO4 C . -6.00 2.26 10.16
O4 PO4 C . -4.15 2.21 8.49
P PO4 D . -23.35 -8.31 -11.67
O1 PO4 D . -22.06 -7.79 -11.09
O2 PO4 D . -23.08 -9.38 -12.71
O3 PO4 D . -24.19 -8.89 -10.56
O4 PO4 D . -24.10 -7.17 -12.34
K K E . -2.13 -0.14 18.42
P PO4 F . 7.13 -5.47 -6.66
O1 PO4 F . 8.01 -4.90 -5.57
O2 PO4 F . 7.07 -6.98 -6.50
O3 PO4 F . 5.72 -4.92 -6.49
O4 PO4 F . 7.64 -5.17 -8.08
P PO4 G . 29.61 -7.61 -19.04
O1 PO4 G . 30.74 -6.80 -18.47
O2 PO4 G . 30.15 -8.60 -20.06
O3 PO4 G . 28.91 -8.34 -17.92
O4 PO4 G . 28.61 -6.71 -19.73
P PO4 H . -11.64 -1.35 -14.29
O1 PO4 H . -12.22 -0.04 -13.81
O2 PO4 H . -10.85 -1.98 -13.17
O3 PO4 H . -12.75 -2.29 -14.69
O4 PO4 H . -10.74 -1.10 -15.47
K K I . 11.42 -13.60 -5.98
#